data_6LBI
#
_entry.id   6LBI
#
_cell.length_a   67.732
_cell.length_b   89.090
_cell.length_c   194.166
_cell.angle_alpha   90.000
_cell.angle_beta   90.000
_cell.angle_gamma   90.000
#
_symmetry.space_group_name_H-M   'P 21 21 21'
#
loop_
_entity.id
_entity.type
_entity.pdbx_description
1 polymer IRE0
2 polymer 'Forkhead box protein O1'
#
loop_
_entity_poly.entity_id
_entity_poly.type
_entity_poly.pdbx_seq_one_letter_code
_entity_poly.pdbx_strand_id
1 'polydeoxyribonucleotide' (DA)(DC)(DC)(DG)(DT)(DA)(DA)(DA)(DC)(DA)(DT)(DG)(DT)(DT)(DT)(DA)(DC)(DG)(DG)(DT) A,B,E,F,I,J
2 'polypeptide(L)'
;GPSKSSSSRRNAWGNLSYADLITKAIESSAEKRLTLSQIYEWMVKSVPYFKDKGDSNSSAGWKNSIRHNLSLHSKFIRVQ
NEGTGKSSWWMLNPEGGKSGKSPRRRAASMDNNSKFAK
;
C,D,G,H,K,L
#
# COMPACT_ATOMS: atom_id res chain seq x y z
N ALA C 12 56.49 13.10 -11.88
CA ALA C 12 57.92 12.90 -11.62
C ALA C 12 58.18 11.59 -10.91
N TRP C 13 57.22 10.66 -11.01
CA TRP C 13 57.33 9.35 -10.40
C TRP C 13 57.64 8.24 -11.40
N GLY C 14 57.66 8.55 -12.68
CA GLY C 14 57.92 7.59 -13.73
C GLY C 14 56.93 7.76 -14.85
N ASN C 15 56.91 6.78 -15.76
CA ASN C 15 56.01 6.78 -16.90
C ASN C 15 54.70 6.05 -16.62
N LEU C 16 54.43 5.71 -15.35
CA LEU C 16 53.21 5.02 -14.99
C LEU C 16 52.10 6.01 -14.72
N SER C 17 50.91 5.71 -15.24
CA SER C 17 49.76 6.58 -15.04
C SER C 17 49.17 6.39 -13.64
N TYR C 18 48.23 7.27 -13.30
CA TYR C 18 47.52 7.12 -12.03
C TYR C 18 46.73 5.81 -11.98
N ALA C 19 46.05 5.48 -13.09
CA ALA C 19 45.34 4.20 -13.14
C ALA C 19 46.29 3.02 -12.97
N ASP C 20 47.51 3.15 -13.51
CA ASP C 20 48.50 2.11 -13.31
C ASP C 20 48.93 2.03 -11.85
N LEU C 21 49.12 3.19 -11.20
CA LEU C 21 49.52 3.20 -9.80
C LEU C 21 48.41 2.64 -8.91
N ILE C 22 47.16 2.99 -9.20
CA ILE C 22 46.04 2.46 -8.41
C ILE C 22 45.92 0.95 -8.61
N THR C 23 46.17 0.48 -9.85
CA THR C 23 46.05 -0.95 -10.12
C THR C 23 47.10 -1.75 -9.38
N LYS C 24 48.36 -1.30 -9.44
CA LYS C 24 49.43 -2.02 -8.75
C LYS C 24 49.18 -2.07 -7.24
N ALA C 25 48.61 -1.01 -6.68
CA ALA C 25 48.26 -1.01 -5.26
C ALA C 25 47.21 -2.07 -4.96
N ILE C 26 46.16 -2.13 -5.77
CA ILE C 26 45.09 -3.09 -5.54
C ILE C 26 45.60 -4.52 -5.72
N GLU C 27 46.45 -4.74 -6.72
CA GLU C 27 47.01 -6.06 -6.95
C GLU C 27 47.95 -6.49 -5.83
N SER C 28 48.47 -5.54 -5.05
CA SER C 28 49.38 -5.86 -3.96
C SER C 28 48.67 -6.38 -2.72
N SER C 29 47.35 -6.29 -2.65
CA SER C 29 46.59 -6.78 -1.51
C SER C 29 46.27 -8.26 -1.67
N ALA C 30 46.14 -8.95 -0.53
CA ALA C 30 45.85 -10.38 -0.57
C ALA C 30 44.45 -10.65 -1.11
N GLU C 31 43.48 -9.81 -0.73
CA GLU C 31 42.10 -9.97 -1.18
C GLU C 31 41.83 -9.26 -2.49
N LYS C 32 42.83 -8.62 -3.09
CA LYS C 32 42.68 -7.91 -4.36
C LYS C 32 41.64 -6.79 -4.27
N ARG C 33 41.62 -6.10 -3.12
CA ARG C 33 40.66 -5.04 -2.89
C ARG C 33 41.20 -4.10 -1.81
N LEU C 34 41.04 -2.80 -2.03
CA LEU C 34 41.51 -1.79 -1.09
C LEU C 34 40.52 -0.64 -1.03
N THR C 35 40.46 0.01 0.13
CA THR C 35 39.65 1.20 0.27
C THR C 35 40.43 2.41 -0.26
N LEU C 36 39.71 3.53 -0.41
CA LEU C 36 40.36 4.75 -0.87
C LEU C 36 41.42 5.23 0.11
N SER C 37 41.15 5.12 1.41
CA SER C 37 42.14 5.51 2.41
C SER C 37 43.40 4.66 2.30
N GLN C 38 43.24 3.37 1.96
CA GLN C 38 44.41 2.50 1.84
C GLN C 38 45.19 2.80 0.57
N ILE C 39 44.50 3.18 -0.51
CA ILE C 39 45.20 3.55 -1.73
C ILE C 39 46.10 4.75 -1.47
N TYR C 40 45.61 5.72 -0.69
CA TYR C 40 46.46 6.84 -0.27
C TYR C 40 47.71 6.35 0.45
N GLU C 41 47.56 5.37 1.33
CA GLU C 41 48.69 4.90 2.12
C GLU C 41 49.75 4.23 1.24
N TRP C 42 49.32 3.45 0.25
CA TRP C 42 50.28 2.77 -0.61
C TRP C 42 51.04 3.78 -1.47
N MET C 43 50.35 4.81 -1.98
CA MET C 43 51.03 5.84 -2.74
C MET C 43 52.09 6.54 -1.91
N VAL C 44 51.77 6.86 -0.65
CA VAL C 44 52.72 7.53 0.21
C VAL C 44 53.85 6.59 0.61
N LYS C 45 53.55 5.31 0.78
CA LYS C 45 54.52 4.35 1.29
C LYS C 45 55.38 3.73 0.19
N SER C 46 54.86 3.62 -1.03
CA SER C 46 55.57 2.92 -2.10
C SER C 46 56.22 3.85 -3.13
N VAL C 47 55.58 4.96 -3.47
CA VAL C 47 56.10 5.87 -4.49
C VAL C 47 56.91 6.95 -3.78
N PRO C 48 58.20 7.10 -4.08
CA PRO C 48 59.02 8.11 -3.39
C PRO C 48 58.55 9.54 -3.66
N TYR C 49 58.03 9.81 -4.86
CA TYR C 49 57.54 11.16 -5.16
C TYR C 49 56.36 11.54 -4.26
N PHE C 50 55.62 10.56 -3.76
CA PHE C 50 54.49 10.79 -2.87
C PHE C 50 54.83 10.55 -1.41
N LYS C 51 56.10 10.30 -1.09
CA LYS C 51 56.47 9.93 0.28
C LYS C 51 56.41 11.12 1.22
N ASP C 52 56.70 12.33 0.73
CA ASP C 52 56.79 13.52 1.58
C ASP C 52 55.57 14.43 1.43
N LYS C 53 54.42 13.88 1.02
CA LYS C 53 53.20 14.65 0.86
C LYS C 53 52.03 13.85 1.39
N GLY C 54 52.07 13.54 2.69
CA GLY C 54 51.03 12.74 3.31
C GLY C 54 49.93 13.56 3.95
N ASP C 55 50.23 14.79 4.33
CA ASP C 55 49.24 15.66 4.95
C ASP C 55 48.28 16.22 3.91
N SER C 56 47.06 16.53 4.36
CA SER C 56 46.00 16.96 3.46
C SER C 56 46.17 18.42 3.02
N ASN C 57 47.40 18.89 2.95
CA ASN C 57 47.73 20.19 2.41
C ASN C 57 48.53 20.08 1.12
N SER C 58 49.62 19.30 1.14
CA SER C 58 50.37 18.99 -0.07
C SER C 58 49.75 17.84 -0.85
N SER C 59 48.68 17.21 -0.32
CA SER C 59 48.10 16.02 -0.94
C SER C 59 46.79 16.28 -1.68
N ALA C 60 46.16 17.44 -1.47
CA ALA C 60 44.86 17.73 -2.07
C ALA C 60 44.88 17.55 -3.58
N GLY C 61 46.01 17.81 -4.22
CA GLY C 61 46.13 17.63 -5.64
C GLY C 61 46.01 16.19 -6.10
N TRP C 62 46.95 15.34 -5.68
CA TRP C 62 46.95 13.96 -6.17
C TRP C 62 45.83 13.13 -5.55
N LYS C 63 45.37 13.47 -4.35
CA LYS C 63 44.25 12.75 -3.77
C LYS C 63 42.97 13.01 -4.55
N ASN C 64 42.83 14.19 -5.14
CA ASN C 64 41.67 14.45 -6.01
C ASN C 64 41.80 13.71 -7.33
N SER C 65 43.03 13.57 -7.83
CA SER C 65 43.23 12.85 -9.09
C SER C 65 42.94 11.37 -8.94
N ILE C 66 43.20 10.80 -7.76
CA ILE C 66 42.97 9.37 -7.55
C ILE C 66 41.48 9.08 -7.53
N ARG C 67 40.72 9.88 -6.78
CA ARG C 67 39.26 9.69 -6.74
C ARG C 67 38.64 9.93 -8.11
N HIS C 68 39.23 10.82 -8.91
CA HIS C 68 38.72 11.04 -10.26
C HIS C 68 39.01 9.84 -11.16
N ASN C 69 40.20 9.23 -11.01
CA ASN C 69 40.54 8.07 -11.84
C ASN C 69 39.68 6.87 -11.48
N LEU C 70 39.44 6.65 -10.17
CA LEU C 70 38.61 5.53 -9.75
C LEU C 70 37.19 5.65 -10.29
N SER C 71 36.67 6.87 -10.43
CA SER C 71 35.31 7.08 -10.86
C SER C 71 35.18 7.26 -12.37
N LEU C 72 36.26 7.63 -13.05
CA LEU C 72 36.19 7.85 -14.49
C LEU C 72 36.28 6.54 -15.27
N HIS C 73 37.29 5.72 -14.96
CA HIS C 73 37.58 4.53 -15.75
C HIS C 73 36.73 3.35 -15.31
N SER C 74 36.23 2.60 -16.29
CA SER C 74 35.44 1.41 -16.00
C SER C 74 36.27 0.27 -15.43
N LYS C 75 37.60 0.38 -15.44
CA LYS C 75 38.44 -0.68 -14.90
C LYS C 75 38.24 -0.87 -13.40
N PHE C 76 37.92 0.20 -12.69
CA PHE C 76 37.73 0.15 -11.24
C PHE C 76 36.25 0.11 -10.91
N ILE C 77 35.86 -0.78 -10.01
CA ILE C 77 34.48 -0.93 -9.60
C ILE C 77 34.37 -0.72 -8.10
N ARG C 78 33.17 -0.39 -7.66
CA ARG C 78 32.89 -0.03 -6.27
C ARG C 78 32.01 -1.09 -5.64
N VAL C 79 32.39 -1.57 -4.45
CA VAL C 79 31.65 -2.60 -3.73
C VAL C 79 31.38 -2.11 -2.32
N GLN C 80 30.13 -2.28 -1.87
CA GLN C 80 29.74 -1.86 -0.53
C GLN C 80 30.59 -2.56 0.53
N ASN C 81 30.99 -1.79 1.54
CA ASN C 81 31.85 -2.33 2.58
C ASN C 81 31.02 -3.05 3.64
N GLU C 82 31.70 -3.84 4.47
CA GLU C 82 31.04 -4.69 5.45
C GLU C 82 31.45 -4.30 6.87
N GLY C 83 31.41 -3.01 7.18
CA GLY C 83 31.79 -2.54 8.50
C GLY C 83 30.77 -1.62 9.12
N THR C 84 31.20 -0.82 10.10
CA THR C 84 30.29 0.11 10.76
C THR C 84 29.96 1.29 9.85
N GLY C 85 30.98 2.09 9.51
CA GLY C 85 30.82 3.20 8.60
C GLY C 85 31.96 3.28 7.62
N LYS C 86 32.56 2.14 7.32
CA LYS C 86 33.72 2.09 6.45
C LYS C 86 33.35 2.46 5.01
N SER C 87 34.33 3.03 4.31
CA SER C 87 34.14 3.37 2.91
C SER C 87 34.23 2.12 2.03
N SER C 88 33.80 2.27 0.78
CA SER C 88 33.64 1.14 -0.11
C SER C 88 34.98 0.49 -0.45
N TRP C 89 34.90 -0.73 -0.99
CA TRP C 89 36.06 -1.42 -1.53
C TRP C 89 36.23 -1.10 -3.01
N TRP C 90 37.48 -0.97 -3.44
CA TRP C 90 37.80 -0.70 -4.84
C TRP C 90 38.57 -1.89 -5.39
N MET C 91 37.99 -2.56 -6.39
CA MET C 91 38.63 -3.69 -7.03
C MET C 91 38.66 -3.49 -8.55
N LEU C 92 39.10 -4.51 -9.28
CA LEU C 92 39.26 -4.43 -10.71
C LEU C 92 38.05 -5.05 -11.42
N ASN C 93 37.64 -4.43 -12.52
CA ASN C 93 36.44 -4.86 -13.24
C ASN C 93 36.72 -6.12 -14.03
N PRO C 94 35.97 -7.22 -13.80
CA PRO C 94 36.18 -8.42 -14.61
C PRO C 94 35.73 -8.24 -16.05
N GLU C 95 36.53 -7.53 -16.85
CA GLU C 95 36.18 -7.28 -18.24
C GLU C 95 37.44 -7.07 -19.08
N TRP D 13 7.79 24.57 10.89
CA TRP D 13 6.85 23.49 11.13
C TRP D 13 7.21 22.71 12.39
N GLY D 14 6.26 21.92 12.88
CA GLY D 14 6.51 21.05 14.02
C GLY D 14 6.18 19.61 13.70
N ASN D 15 5.03 19.14 14.19
CA ASN D 15 4.47 17.84 13.83
C ASN D 15 5.46 16.75 14.24
N LEU D 16 5.94 15.92 13.33
CA LEU D 16 6.85 14.83 13.67
C LEU D 16 8.30 15.30 13.53
N SER D 17 9.24 14.36 13.56
CA SER D 17 10.66 14.67 13.50
C SER D 17 11.24 14.28 12.14
N TYR D 18 12.48 14.70 11.92
CA TYR D 18 13.19 14.33 10.70
C TYR D 18 13.28 12.82 10.54
N ALA D 19 13.54 12.11 11.64
CA ALA D 19 13.63 10.64 11.57
C ALA D 19 12.27 10.01 11.30
N ASP D 20 11.18 10.67 11.71
CA ASP D 20 9.85 10.16 11.41
C ASP D 20 9.43 10.46 9.98
N LEU D 21 9.89 11.58 9.42
CA LEU D 21 9.53 11.92 8.04
C LEU D 21 10.23 11.00 7.05
N ILE D 22 11.48 10.60 7.35
CA ILE D 22 12.19 9.67 6.48
C ILE D 22 11.52 8.31 6.52
N THR D 23 11.05 7.89 7.71
CA THR D 23 10.39 6.60 7.82
C THR D 23 9.06 6.58 7.06
N LYS D 24 8.28 7.66 7.17
CA LYS D 24 7.02 7.73 6.44
C LYS D 24 7.24 7.74 4.94
N ALA D 25 8.37 8.30 4.48
CA ALA D 25 8.68 8.28 3.06
C ALA D 25 9.05 6.88 2.59
N ILE D 26 9.81 6.15 3.40
CA ILE D 26 10.25 4.81 3.02
C ILE D 26 9.06 3.85 2.98
N GLU D 27 8.16 3.97 3.97
CA GLU D 27 7.03 3.04 4.03
C GLU D 27 6.10 3.20 2.83
N SER D 28 6.04 4.39 2.24
CA SER D 28 5.18 4.62 1.09
C SER D 28 5.74 4.04 -0.20
N SER D 29 7.06 3.84 -0.28
CA SER D 29 7.64 3.28 -1.49
C SER D 29 7.33 1.80 -1.60
N ALA D 30 7.02 1.37 -2.83
CA ALA D 30 6.60 -0.01 -3.05
C ALA D 30 7.72 -1.00 -2.70
N GLU D 31 8.96 -0.65 -3.01
CA GLU D 31 10.10 -1.50 -2.73
C GLU D 31 10.66 -1.29 -1.33
N LYS D 32 10.03 -0.43 -0.52
CA LYS D 32 10.46 -0.17 0.86
C LYS D 32 11.92 0.30 0.90
N ARG D 33 12.27 1.22 0.00
CA ARG D 33 13.62 1.75 -0.09
C ARG D 33 13.59 2.99 -0.97
N LEU D 34 14.42 3.97 -0.62
CA LEU D 34 14.47 5.22 -1.36
C LEU D 34 15.89 5.77 -1.32
N THR D 35 16.33 6.33 -2.45
CA THR D 35 17.61 7.03 -2.48
C THR D 35 17.46 8.39 -1.80
N LEU D 36 18.60 9.04 -1.56
CA LEU D 36 18.58 10.39 -0.98
C LEU D 36 17.85 11.36 -1.90
N SER D 37 18.05 11.21 -3.20
CA SER D 37 17.36 12.08 -4.16
C SER D 37 15.85 11.91 -4.07
N GLN D 38 15.38 10.67 -3.92
CA GLN D 38 13.94 10.41 -3.85
C GLN D 38 13.34 10.99 -2.58
N ILE D 39 14.08 10.94 -1.47
CA ILE D 39 13.58 11.48 -0.21
C ILE D 39 13.36 12.99 -0.34
N TYR D 40 14.24 13.67 -1.05
CA TYR D 40 14.09 15.12 -1.24
C TYR D 40 12.76 15.47 -1.89
N GLU D 41 12.41 14.78 -2.98
CA GLU D 41 11.19 15.11 -3.70
C GLU D 41 9.95 14.74 -2.89
N TRP D 42 10.01 13.63 -2.14
CA TRP D 42 8.88 13.24 -1.31
C TRP D 42 8.59 14.30 -0.25
N MET D 43 9.63 14.85 0.38
CA MET D 43 9.43 15.90 1.37
C MET D 43 8.81 17.14 0.76
N VAL D 44 9.28 17.53 -0.43
CA VAL D 44 8.72 18.70 -1.11
C VAL D 44 7.26 18.46 -1.50
N LYS D 45 6.93 17.22 -1.86
CA LYS D 45 5.58 16.92 -2.34
C LYS D 45 4.61 16.53 -1.23
N SER D 46 5.10 15.97 -0.13
CA SER D 46 4.23 15.47 0.92
C SER D 46 4.10 16.41 2.11
N VAL D 47 5.11 17.22 2.39
CA VAL D 47 5.10 18.15 3.51
C VAL D 47 4.92 19.56 2.96
N PRO D 48 3.89 20.31 3.37
CA PRO D 48 3.63 21.61 2.75
C PRO D 48 4.67 22.67 3.07
N TYR D 49 5.38 22.54 4.20
CA TYR D 49 6.40 23.53 4.54
C TYR D 49 7.59 23.47 3.60
N PHE D 50 7.80 22.33 2.93
CA PHE D 50 8.88 22.18 1.97
C PHE D 50 8.39 22.28 0.52
N LYS D 51 7.18 22.81 0.30
CA LYS D 51 6.59 22.77 -1.04
C LYS D 51 7.31 23.70 -2.01
N ASP D 52 7.95 24.75 -1.51
CA ASP D 52 8.64 25.73 -2.35
C ASP D 52 10.15 25.60 -2.28
N LYS D 53 10.66 24.46 -1.80
CA LYS D 53 12.08 24.29 -1.52
C LYS D 53 12.67 23.19 -2.38
N GLY D 54 12.26 23.12 -3.64
CA GLY D 54 12.78 22.13 -4.55
C GLY D 54 13.98 22.63 -5.35
N ASP D 55 15.00 23.11 -4.64
CA ASP D 55 16.19 23.65 -5.28
C ASP D 55 17.46 23.26 -4.52
N SER D 59 21.92 22.73 -2.42
CA SER D 59 22.02 21.81 -1.29
C SER D 59 22.52 22.52 -0.03
N ALA D 60 21.60 22.87 0.85
CA ALA D 60 21.91 23.50 2.12
C ALA D 60 20.65 23.49 2.98
N GLY D 61 20.84 23.68 4.29
CA GLY D 61 19.73 23.77 5.21
C GLY D 61 19.11 22.43 5.56
N TRP D 62 17.83 22.26 5.22
CA TRP D 62 17.12 21.03 5.57
C TRP D 62 17.68 19.81 4.85
N LYS D 63 18.34 20.00 3.70
CA LYS D 63 18.97 18.86 3.04
C LYS D 63 20.20 18.38 3.79
N ASN D 64 20.88 19.29 4.52
CA ASN D 64 21.97 18.86 5.40
C ASN D 64 21.43 18.04 6.57
N SER D 65 20.27 18.43 7.10
CA SER D 65 19.69 17.71 8.23
C SER D 65 19.27 16.30 7.86
N ILE D 66 18.81 16.09 6.63
CA ILE D 66 18.38 14.76 6.20
C ILE D 66 19.57 13.82 6.11
N ARG D 67 20.65 14.27 5.49
CA ARG D 67 21.86 13.45 5.41
C ARG D 67 22.42 13.19 6.81
N HIS D 68 22.32 14.18 7.70
CA HIS D 68 22.79 14.00 9.07
C HIS D 68 22.00 12.92 9.79
N ASN D 69 20.69 12.87 9.58
CA ASN D 69 19.86 11.89 10.28
C ASN D 69 20.06 10.49 9.73
N LEU D 70 20.33 10.36 8.43
CA LEU D 70 20.49 9.04 7.84
C LEU D 70 21.76 8.36 8.32
N SER D 71 22.85 9.11 8.41
CA SER D 71 24.12 8.51 8.84
C SER D 71 24.17 8.31 10.36
N LEU D 72 23.45 9.12 11.12
CA LEU D 72 23.54 9.07 12.57
C LEU D 72 22.68 7.95 13.14
N HIS D 73 21.43 7.84 12.69
CA HIS D 73 20.48 6.93 13.30
C HIS D 73 20.66 5.52 12.74
N SER D 74 20.75 4.55 13.66
CA SER D 74 20.93 3.15 13.27
C SER D 74 19.69 2.55 12.63
N LYS D 75 18.54 3.21 12.72
CA LYS D 75 17.32 2.71 12.08
C LYS D 75 17.31 2.94 10.58
N PHE D 76 18.37 3.52 10.02
CA PHE D 76 18.51 3.71 8.59
C PHE D 76 19.78 3.01 8.14
N ILE D 77 19.66 2.09 7.18
CA ILE D 77 20.80 1.37 6.65
C ILE D 77 21.06 1.84 5.22
N ARG D 78 22.29 1.64 4.78
CA ARG D 78 22.74 2.04 3.45
C ARG D 78 22.97 0.78 2.62
N VAL D 79 22.30 0.69 1.48
CA VAL D 79 22.38 -0.46 0.59
C VAL D 79 22.93 0.00 -0.75
N GLN D 80 23.98 -0.67 -1.23
CA GLN D 80 24.54 -0.36 -2.54
C GLN D 80 23.47 -0.50 -3.62
N ASN D 81 23.49 0.41 -4.58
CA ASN D 81 22.48 0.47 -5.62
C ASN D 81 22.91 -0.37 -6.82
N GLU D 82 21.94 -1.00 -7.47
CA GLU D 82 22.15 -1.79 -8.67
C GLU D 82 22.07 -0.97 -9.95
N GLY D 83 22.30 0.33 -9.84
CA GLY D 83 22.25 1.22 -10.99
C GLY D 83 23.54 2.00 -11.10
N THR D 84 24.08 2.07 -12.31
CA THR D 84 25.35 2.74 -12.53
C THR D 84 25.23 4.23 -12.22
N GLY D 85 26.19 4.74 -11.44
CA GLY D 85 26.21 6.14 -11.11
C GLY D 85 25.13 6.59 -10.15
N LYS D 86 24.30 5.67 -9.67
CA LYS D 86 23.20 6.02 -8.77
C LYS D 86 23.62 5.90 -7.32
N SER D 87 23.10 6.79 -6.49
CA SER D 87 23.41 6.78 -5.07
C SER D 87 22.81 5.55 -4.40
N SER D 88 23.19 5.33 -3.14
CA SER D 88 22.79 4.13 -2.43
C SER D 88 21.29 4.11 -2.17
N TRP D 89 20.79 2.93 -1.84
CA TRP D 89 19.42 2.76 -1.36
C TRP D 89 19.40 2.95 0.15
N TRP D 90 18.44 3.71 0.63
CA TRP D 90 18.22 3.90 2.06
C TRP D 90 16.92 3.22 2.44
N MET D 91 17.00 2.29 3.40
CA MET D 91 15.82 1.57 3.87
C MET D 91 15.87 1.46 5.39
N LEU D 92 14.76 1.01 5.96
CA LEU D 92 14.66 0.88 7.41
C LEU D 92 15.45 -0.33 7.89
N ASN D 93 16.18 -0.14 8.98
CA ASN D 93 17.00 -1.22 9.54
C ASN D 93 16.10 -2.27 10.16
N PRO D 94 16.17 -3.54 9.73
CA PRO D 94 15.32 -4.57 10.36
C PRO D 94 15.64 -4.77 11.83
N GLU D 95 16.91 -4.98 12.17
CA GLU D 95 17.27 -5.21 13.57
C GLU D 95 17.06 -3.97 14.42
N GLY D 96 17.59 -2.83 13.97
CA GLY D 96 17.45 -1.59 14.71
C GLY D 96 16.04 -1.02 14.68
N ASN G 11 12.42 -29.07 -2.50
CA ASN G 11 11.39 -29.68 -1.67
C ASN G 11 11.97 -30.78 -0.78
N ALA G 12 11.29 -31.05 0.34
CA ALA G 12 11.69 -32.12 1.25
C ALA G 12 10.70 -33.28 1.29
N TRP G 13 9.58 -33.18 0.59
CA TRP G 13 8.55 -34.22 0.61
C TRP G 13 8.12 -34.62 -0.80
N GLY G 14 8.94 -34.33 -1.81
CA GLY G 14 8.61 -34.61 -3.18
C GLY G 14 8.20 -33.36 -3.94
N ASN G 15 8.10 -33.50 -5.25
CA ASN G 15 7.77 -32.39 -6.13
C ASN G 15 6.29 -32.05 -6.08
N LEU G 16 5.76 -31.84 -4.88
CA LEU G 16 4.36 -31.52 -4.68
C LEU G 16 4.23 -30.23 -3.89
N SER G 17 3.28 -29.39 -4.26
CA SER G 17 3.06 -28.12 -3.59
C SER G 17 2.01 -28.27 -2.50
N TYR G 18 1.95 -27.26 -1.63
CA TYR G 18 0.97 -27.27 -0.55
C TYR G 18 -0.45 -27.33 -1.09
N ALA G 19 -0.73 -26.57 -2.16
CA ALA G 19 -2.05 -26.63 -2.77
C ALA G 19 -2.33 -28.00 -3.37
N ASP G 20 -1.29 -28.69 -3.83
CA ASP G 20 -1.47 -30.04 -4.36
C ASP G 20 -1.80 -31.03 -3.26
N LEU G 21 -1.13 -30.92 -2.11
CA LEU G 21 -1.34 -31.87 -1.03
C LEU G 21 -2.75 -31.74 -0.45
N ILE G 22 -3.22 -30.50 -0.27
CA ILE G 22 -4.55 -30.28 0.31
C ILE G 22 -5.62 -30.84 -0.62
N THR G 23 -5.42 -30.71 -1.93
CA THR G 23 -6.39 -31.23 -2.88
C THR G 23 -6.51 -32.75 -2.76
N LYS G 24 -5.38 -33.44 -2.58
CA LYS G 24 -5.45 -34.89 -2.36
C LYS G 24 -6.16 -35.21 -1.06
N ALA G 25 -5.94 -34.40 -0.03
CA ALA G 25 -6.60 -34.64 1.26
C ALA G 25 -8.11 -34.45 1.14
N ILE G 26 -8.53 -33.37 0.49
CA ILE G 26 -9.97 -33.11 0.34
C ILE G 26 -10.61 -34.17 -0.55
N GLU G 27 -9.93 -34.55 -1.64
CA GLU G 27 -10.49 -35.55 -2.53
C GLU G 27 -10.48 -36.95 -1.91
N SER G 28 -9.60 -37.21 -0.95
CA SER G 28 -9.55 -38.52 -0.30
C SER G 28 -10.65 -38.72 0.72
N SER G 29 -11.34 -37.65 1.14
CA SER G 29 -12.43 -37.78 2.08
C SER G 29 -13.71 -38.20 1.38
N ALA G 30 -14.59 -38.87 2.12
CA ALA G 30 -15.83 -39.37 1.55
C ALA G 30 -16.74 -38.23 1.11
N GLU G 31 -16.95 -37.25 1.98
CA GLU G 31 -17.83 -36.12 1.67
C GLU G 31 -17.12 -35.02 0.90
N LYS G 32 -15.85 -35.20 0.54
CA LYS G 32 -15.07 -34.20 -0.18
C LYS G 32 -15.01 -32.88 0.59
N ARG G 33 -14.77 -32.98 1.90
CA ARG G 33 -14.71 -31.81 2.77
C ARG G 33 -13.98 -32.19 4.05
N LEU G 34 -13.04 -31.34 4.47
CA LEU G 34 -12.30 -31.54 5.70
C LEU G 34 -12.19 -30.23 6.46
N THR G 35 -11.93 -30.35 7.75
CA THR G 35 -11.62 -29.18 8.57
C THR G 35 -10.10 -29.00 8.64
N LEU G 36 -9.68 -27.87 9.20
CA LEU G 36 -8.26 -27.56 9.26
C LEU G 36 -7.50 -28.57 10.12
N SER G 37 -8.12 -29.02 11.20
CA SER G 37 -7.46 -30.02 12.05
C SER G 37 -7.34 -31.36 11.34
N GLN G 38 -8.36 -31.74 10.56
CA GLN G 38 -8.29 -32.98 9.82
C GLN G 38 -7.25 -32.93 8.72
N ILE G 39 -7.03 -31.76 8.12
CA ILE G 39 -5.98 -31.61 7.12
C ILE G 39 -4.62 -31.81 7.78
N TYR G 40 -4.44 -31.31 9.00
CA TYR G 40 -3.20 -31.53 9.73
C TYR G 40 -2.94 -33.02 9.94
N GLU G 41 -3.99 -33.75 10.35
CA GLU G 41 -3.83 -35.18 10.59
C GLU G 41 -3.55 -35.94 9.30
N TRP G 42 -4.06 -35.45 8.17
CA TRP G 42 -3.76 -36.11 6.90
C TRP G 42 -2.30 -35.94 6.52
N MET G 43 -1.72 -34.77 6.83
CA MET G 43 -0.33 -34.52 6.48
C MET G 43 0.61 -35.39 7.32
N VAL G 44 0.34 -35.52 8.61
CA VAL G 44 1.20 -36.33 9.48
C VAL G 44 1.11 -37.80 9.10
N LYS G 45 -0.06 -38.26 8.65
CA LYS G 45 -0.26 -39.66 8.35
C LYS G 45 0.06 -40.04 6.91
N SER G 46 0.13 -39.07 6.00
CA SER G 46 0.38 -39.36 4.59
C SER G 46 1.72 -38.86 4.09
N VAL G 47 2.31 -37.84 4.71
CA VAL G 47 3.59 -37.29 4.30
C VAL G 47 4.62 -37.67 5.36
N PRO G 48 5.61 -38.51 5.05
CA PRO G 48 6.59 -38.90 6.08
C PRO G 48 7.43 -37.74 6.59
N TYR G 49 7.60 -36.69 5.79
CA TYR G 49 8.41 -35.55 6.23
C TYR G 49 7.77 -34.83 7.41
N PHE G 50 6.44 -34.86 7.52
CA PHE G 50 5.73 -34.25 8.63
C PHE G 50 5.38 -35.24 9.74
N LYS G 51 5.65 -36.53 9.54
CA LYS G 51 5.35 -37.52 10.56
C LYS G 51 6.18 -37.28 11.82
N ASP G 52 7.43 -36.86 11.65
CA ASP G 52 8.30 -36.52 12.77
C ASP G 52 8.20 -35.05 13.17
N LYS G 53 7.30 -34.30 12.55
CA LYS G 53 7.08 -32.90 12.92
C LYS G 53 5.65 -32.70 13.41
N GLY G 54 5.23 -33.51 14.37
CA GLY G 54 3.89 -33.40 14.92
C GLY G 54 3.86 -32.74 16.28
N ASP G 55 5.01 -32.70 16.94
CA ASP G 55 5.11 -32.08 18.25
C ASP G 55 4.80 -30.58 18.15
N SER G 56 4.25 -30.03 19.24
CA SER G 56 3.76 -28.66 19.22
C SER G 56 4.85 -27.62 19.01
N ASN G 57 6.11 -28.02 19.02
CA ASN G 57 7.22 -27.07 18.85
C ASN G 57 7.63 -26.94 17.39
N SER G 58 8.11 -28.04 16.78
CA SER G 58 8.61 -28.03 15.42
C SER G 58 7.51 -28.29 14.39
N SER G 59 6.29 -27.81 14.64
CA SER G 59 5.18 -28.01 13.71
C SER G 59 4.44 -26.73 13.36
N ALA G 60 4.87 -25.57 13.88
CA ALA G 60 4.17 -24.33 13.61
C ALA G 60 4.45 -23.80 12.21
N GLY G 61 5.63 -24.08 11.67
CA GLY G 61 6.00 -23.51 10.38
C GLY G 61 5.16 -24.06 9.23
N TRP G 62 5.08 -25.38 9.12
CA TRP G 62 4.36 -25.98 8.01
C TRP G 62 2.85 -25.81 8.16
N LYS G 63 2.34 -25.77 9.40
CA LYS G 63 0.91 -25.53 9.59
C LYS G 63 0.52 -24.12 9.17
N ASN G 64 1.38 -23.13 9.48
CA ASN G 64 1.12 -21.77 9.00
C ASN G 64 1.17 -21.69 7.49
N SER G 65 1.99 -22.54 6.85
CA SER G 65 2.00 -22.60 5.40
C SER G 65 0.71 -23.19 4.84
N ILE G 66 0.04 -24.04 5.62
CA ILE G 66 -1.22 -24.64 5.17
C ILE G 66 -2.34 -23.61 5.22
N ARG G 67 -2.44 -22.88 6.33
CA ARG G 67 -3.50 -21.88 6.45
C ARG G 67 -3.34 -20.77 5.42
N HIS G 68 -2.10 -20.41 5.08
CA HIS G 68 -1.88 -19.39 4.06
C HIS G 68 -2.37 -19.84 2.69
N ASN G 69 -2.14 -21.11 2.36
CA ASN G 69 -2.56 -21.62 1.05
C ASN G 69 -4.07 -21.66 0.92
N LEU G 70 -4.77 -21.93 2.02
CA LEU G 70 -6.22 -22.10 1.95
C LEU G 70 -6.93 -20.80 1.59
N SER G 71 -6.63 -19.73 2.33
CA SER G 71 -7.35 -18.48 2.12
C SER G 71 -6.94 -17.82 0.80
N LEU G 72 -5.67 -17.94 0.42
CA LEU G 72 -5.17 -17.25 -0.76
C LEU G 72 -5.77 -17.84 -2.04
N HIS G 73 -5.50 -19.12 -2.30
CA HIS G 73 -5.91 -19.73 -3.56
C HIS G 73 -7.42 -19.88 -3.63
N SER G 74 -8.01 -19.44 -4.73
CA SER G 74 -9.46 -19.51 -4.93
C SER G 74 -9.95 -20.91 -5.27
N LYS G 75 -9.06 -21.91 -5.29
CA LYS G 75 -9.49 -23.28 -5.48
C LYS G 75 -9.97 -23.94 -4.19
N PHE G 76 -9.87 -23.25 -3.06
CA PHE G 76 -10.35 -23.73 -1.77
C PHE G 76 -11.39 -22.76 -1.25
N ILE G 77 -12.61 -23.26 -1.03
CA ILE G 77 -13.69 -22.45 -0.49
C ILE G 77 -13.95 -22.89 0.94
N ARG G 78 -14.49 -21.98 1.74
CA ARG G 78 -14.74 -22.20 3.15
C ARG G 78 -16.25 -22.24 3.38
N VAL G 79 -16.72 -23.33 4.00
CA VAL G 79 -18.14 -23.55 4.26
C VAL G 79 -18.35 -23.64 5.76
N GLN G 80 -19.30 -22.86 6.27
CA GLN G 80 -19.60 -22.86 7.69
C GLN G 80 -20.01 -24.25 8.16
N ASN G 81 -19.54 -24.62 9.35
CA ASN G 81 -19.85 -25.92 9.94
C ASN G 81 -21.16 -25.86 10.70
N GLU G 82 -21.84 -27.01 10.77
CA GLU G 82 -23.11 -27.12 11.45
C GLU G 82 -22.97 -27.45 12.94
N GLY G 83 -21.77 -27.36 13.49
CA GLY G 83 -21.56 -27.62 14.90
C GLY G 83 -20.77 -26.52 15.58
N THR G 84 -21.35 -25.94 16.63
CA THR G 84 -20.67 -24.88 17.36
C THR G 84 -19.39 -25.41 18.00
N GLY G 85 -18.31 -24.64 17.86
CA GLY G 85 -17.00 -25.06 18.31
C GLY G 85 -16.17 -25.79 17.27
N LYS G 86 -16.80 -26.26 16.19
CA LYS G 86 -16.09 -26.91 15.10
C LYS G 86 -15.78 -25.91 14.00
N SER G 87 -14.55 -25.96 13.50
CA SER G 87 -14.14 -25.03 12.46
C SER G 87 -14.84 -25.34 11.15
N SER G 88 -14.65 -24.45 10.18
CA SER G 88 -15.41 -24.50 8.93
C SER G 88 -14.89 -25.61 8.02
N TRP G 89 -15.80 -26.14 7.20
CA TRP G 89 -15.43 -27.13 6.20
C TRP G 89 -14.67 -26.48 5.06
N TRP G 90 -13.61 -27.14 4.60
CA TRP G 90 -12.86 -26.72 3.43
C TRP G 90 -13.11 -27.72 2.29
N MET G 91 -13.33 -27.20 1.09
CA MET G 91 -13.60 -28.04 -0.06
C MET G 91 -13.17 -27.32 -1.32
N LEU G 92 -13.09 -28.08 -2.42
CA LEU G 92 -12.63 -27.53 -3.69
C LEU G 92 -13.73 -26.74 -4.37
N ASN G 93 -13.32 -25.75 -5.16
CA ASN G 93 -14.26 -24.90 -5.88
C ASN G 93 -14.76 -25.59 -7.14
N ASN H 11 -20.50 -0.21 36.67
CA ASN H 11 -19.49 -0.03 35.64
C ASN H 11 -19.21 1.45 35.41
N ALA H 12 -18.38 1.74 34.40
CA ALA H 12 -18.12 3.10 33.96
C ALA H 12 -19.13 3.58 32.93
N TRP H 13 -20.15 2.78 32.64
CA TRP H 13 -21.17 3.16 31.67
C TRP H 13 -22.56 2.65 32.00
N GLY H 14 -22.73 1.87 33.07
CA GLY H 14 -24.02 1.33 33.42
C GLY H 14 -23.96 -0.11 33.92
N SER H 17 -24.19 -3.98 30.83
CA SER H 17 -23.25 -5.08 30.66
C SER H 17 -22.79 -5.21 29.21
N TYR H 18 -21.68 -5.91 29.00
CA TYR H 18 -21.15 -6.07 27.65
C TYR H 18 -22.14 -6.78 26.75
N ALA H 19 -22.81 -7.83 27.27
CA ALA H 19 -23.82 -8.52 26.48
C ALA H 19 -25.00 -7.62 26.16
N ASP H 20 -25.30 -6.66 27.05
CA ASP H 20 -26.40 -5.73 26.79
C ASP H 20 -26.02 -4.74 25.71
N LEU H 21 -24.78 -4.23 25.73
CA LEU H 21 -24.35 -3.27 24.73
C LEU H 21 -24.30 -3.88 23.34
N ILE H 22 -23.92 -5.16 23.26
CA ILE H 22 -23.91 -5.85 21.97
C ILE H 22 -25.34 -6.03 21.47
N THR H 23 -26.28 -6.30 22.38
CA THR H 23 -27.68 -6.43 22.01
C THR H 23 -28.21 -5.12 21.44
N LYS H 24 -27.95 -4.01 22.12
CA LYS H 24 -28.39 -2.71 21.63
C LYS H 24 -27.68 -2.33 20.33
N ALA H 25 -26.45 -2.82 20.13
CA ALA H 25 -25.74 -2.53 18.89
C ALA H 25 -26.34 -3.28 17.72
N ILE H 26 -26.63 -4.57 17.89
CA ILE H 26 -27.19 -5.37 16.80
C ILE H 26 -28.60 -4.89 16.47
N GLU H 27 -29.40 -4.57 17.48
CA GLU H 27 -30.76 -4.11 17.24
C GLU H 27 -30.80 -2.77 16.51
N SER H 28 -29.72 -1.98 16.58
CA SER H 28 -29.71 -0.69 15.90
C SER H 28 -29.54 -0.83 14.39
N SER H 29 -29.00 -1.95 13.91
CA SER H 29 -28.85 -2.17 12.49
C SER H 29 -30.19 -2.55 11.86
N ALA H 30 -30.41 -2.08 10.63
CA ALA H 30 -31.68 -2.34 9.96
C ALA H 30 -31.88 -3.83 9.71
N GLU H 31 -30.81 -4.54 9.37
CA GLU H 31 -30.87 -5.98 9.12
C GLU H 31 -30.61 -6.79 10.38
N LYS H 32 -30.70 -6.17 11.56
CA LYS H 32 -30.42 -6.78 12.86
C LYS H 32 -29.22 -7.71 12.82
N ARG H 33 -28.15 -7.30 12.14
CA ARG H 33 -26.94 -8.08 12.04
C ARG H 33 -25.76 -7.14 11.86
N LEU H 34 -24.65 -7.45 12.52
CA LEU H 34 -23.44 -6.65 12.42
C LEU H 34 -22.22 -7.55 12.54
N THR H 35 -21.15 -7.18 11.85
CA THR H 35 -19.89 -7.87 11.99
C THR H 35 -19.21 -7.45 13.28
N LEU H 36 -18.11 -8.15 13.62
CA LEU H 36 -17.37 -7.81 14.83
C LEU H 36 -16.81 -6.39 14.75
N SER H 37 -16.30 -5.99 13.59
CA SER H 37 -15.79 -4.63 13.42
C SER H 37 -16.92 -3.61 13.50
N GLN H 38 -18.10 -3.96 12.98
CA GLN H 38 -19.25 -3.06 13.09
C GLN H 38 -19.70 -2.91 14.53
N ILE H 39 -19.54 -3.95 15.35
CA ILE H 39 -19.84 -3.84 16.77
C ILE H 39 -18.80 -2.98 17.47
N TYR H 40 -17.53 -3.12 17.07
CA TYR H 40 -16.49 -2.23 17.57
C TYR H 40 -16.82 -0.77 17.27
N GLU H 41 -17.15 -0.47 16.01
CA GLU H 41 -17.37 0.92 15.60
C GLU H 41 -18.62 1.49 16.25
N TRP H 42 -19.62 0.65 16.55
CA TRP H 42 -20.82 1.16 17.21
C TRP H 42 -20.52 1.58 18.64
N MET H 43 -19.61 0.89 19.32
CA MET H 43 -19.30 1.23 20.70
C MET H 43 -18.52 2.53 20.80
N VAL H 44 -17.78 2.89 19.75
CA VAL H 44 -17.02 4.14 19.79
C VAL H 44 -17.91 5.34 19.50
N LYS H 45 -18.83 5.20 18.55
CA LYS H 45 -19.67 6.32 18.12
C LYS H 45 -20.96 6.45 18.92
N SER H 46 -21.28 5.48 19.77
CA SER H 46 -22.51 5.53 20.56
C SER H 46 -22.30 5.53 22.07
N VAL H 47 -21.21 4.95 22.56
CA VAL H 47 -20.89 4.95 23.98
C VAL H 47 -19.84 6.02 24.23
N PRO H 48 -20.10 7.02 25.08
CA PRO H 48 -19.10 8.09 25.28
C PRO H 48 -17.84 7.61 25.96
N TYR H 49 -17.88 6.50 26.71
CA TYR H 49 -16.70 6.02 27.41
C TYR H 49 -15.63 5.57 26.42
N PHE H 50 -16.04 4.98 25.30
CA PHE H 50 -15.12 4.44 24.32
C PHE H 50 -14.86 5.41 23.16
N LYS H 51 -15.38 6.63 23.24
CA LYS H 51 -15.25 7.57 22.12
C LYS H 51 -13.80 7.96 21.87
N ASP H 52 -12.98 7.96 22.91
CA ASP H 52 -11.58 8.37 22.80
C ASP H 52 -10.63 7.18 22.85
N LYS H 53 -11.13 5.97 22.69
CA LYS H 53 -10.32 4.75 22.80
C LYS H 53 -10.22 4.08 21.44
N GLY H 54 -9.24 4.52 20.65
CA GLY H 54 -8.96 3.91 19.36
C GLY H 54 -7.52 3.49 19.25
N ASP H 55 -7.28 2.18 19.17
CA ASP H 55 -5.91 1.65 19.13
C ASP H 55 -5.66 0.85 17.86
N ALA H 60 -6.46 -6.66 22.66
CA ALA H 60 -6.56 -5.22 22.44
C ALA H 60 -7.31 -4.54 23.58
N GLY H 61 -7.54 -5.28 24.65
CA GLY H 61 -8.18 -4.74 25.85
C GLY H 61 -9.70 -4.93 25.80
N TRP H 62 -10.43 -3.82 25.76
CA TRP H 62 -11.88 -3.88 25.77
C TRP H 62 -12.43 -4.61 24.54
N LYS H 63 -11.65 -4.68 23.46
CA LYS H 63 -12.07 -5.45 22.29
C LYS H 63 -12.10 -6.95 22.59
N ASN H 64 -11.16 -7.41 23.43
CA ASN H 64 -11.12 -8.83 23.79
C ASN H 64 -12.38 -9.21 24.56
N SER H 65 -12.89 -8.31 25.40
CA SER H 65 -14.10 -8.61 26.17
C SER H 65 -15.31 -8.79 25.26
N ILE H 66 -15.34 -8.08 24.13
CA ILE H 66 -16.47 -8.20 23.21
C ILE H 66 -16.50 -9.57 22.57
N ARG H 67 -15.37 -10.03 22.03
CA ARG H 67 -15.31 -11.35 21.42
C ARG H 67 -15.59 -12.45 22.43
N HIS H 68 -15.20 -12.24 23.69
CA HIS H 68 -15.48 -13.23 24.73
C HIS H 68 -16.97 -13.34 25.00
N ASN H 69 -17.68 -12.20 25.01
CA ASN H 69 -19.12 -12.24 25.25
C ASN H 69 -19.88 -12.85 24.08
N LEU H 70 -19.31 -12.78 22.87
CA LEU H 70 -20.01 -13.30 21.70
C LEU H 70 -19.97 -14.82 21.66
N SER H 71 -18.81 -15.41 21.95
CA SER H 71 -18.67 -16.86 21.86
C SER H 71 -19.21 -17.57 23.08
N LEU H 72 -19.20 -16.92 24.25
CA LEU H 72 -19.61 -17.59 25.48
C LEU H 72 -21.13 -17.77 25.53
N HIS H 73 -21.87 -16.70 25.26
CA HIS H 73 -23.32 -16.74 25.39
C HIS H 73 -23.96 -17.35 24.15
N SER H 74 -25.03 -18.13 24.38
CA SER H 74 -25.75 -18.77 23.29
C SER H 74 -26.73 -17.85 22.59
N LYS H 75 -26.98 -16.66 23.14
CA LYS H 75 -27.86 -15.69 22.50
C LYS H 75 -27.25 -15.10 21.23
N PHE H 76 -25.96 -15.31 21.00
CA PHE H 76 -25.29 -14.84 19.80
C PHE H 76 -24.85 -16.04 18.96
N ILE H 77 -25.11 -15.96 17.65
CA ILE H 77 -24.76 -17.03 16.72
C ILE H 77 -23.86 -16.49 15.62
N ARG H 78 -23.68 -17.27 14.56
CA ARG H 78 -22.84 -16.86 13.44
C ARG H 78 -23.51 -17.26 12.12
N VAL H 79 -23.29 -16.44 11.10
CA VAL H 79 -23.77 -16.70 9.75
C VAL H 79 -22.63 -16.43 8.78
N GLN H 80 -22.43 -17.35 7.84
CA GLN H 80 -21.42 -17.16 6.80
C GLN H 80 -21.83 -16.00 5.90
N ASN H 81 -20.93 -15.03 5.74
CA ASN H 81 -21.22 -13.84 4.95
C ASN H 81 -20.83 -14.08 3.49
N GLU H 82 -20.78 -13.00 2.71
CA GLU H 82 -20.43 -13.09 1.31
C GLU H 82 -18.92 -13.12 1.11
N LYS H 86 -17.08 -10.95 3.96
CA LYS H 86 -15.81 -11.14 4.66
C LYS H 86 -16.00 -11.94 5.95
N SER H 87 -15.96 -11.26 7.09
CA SER H 87 -16.10 -11.93 8.36
C SER H 87 -17.56 -12.32 8.62
N SER H 88 -17.77 -13.09 9.68
CA SER H 88 -19.07 -13.69 9.95
C SER H 88 -20.06 -12.65 10.46
N TRP H 89 -21.34 -12.86 10.13
CA TRP H 89 -22.41 -12.05 10.69
C TRP H 89 -22.68 -12.46 12.12
N TRP H 90 -22.96 -11.48 12.98
CA TRP H 90 -23.35 -11.73 14.36
C TRP H 90 -24.76 -11.19 14.56
N MET H 91 -25.67 -12.06 15.00
CA MET H 91 -27.05 -11.67 15.24
C MET H 91 -27.58 -12.47 16.42
N LEU H 92 -28.84 -12.20 16.78
CA LEU H 92 -29.44 -12.75 17.98
C LEU H 92 -30.06 -14.12 17.69
N ASN H 93 -29.95 -15.02 18.66
CA ASN H 93 -30.48 -16.37 18.54
C ASN H 93 -32.01 -16.36 18.52
N ASN K 11 -35.53 27.33 9.40
CA ASN K 11 -34.65 27.63 8.28
C ASN K 11 -35.15 28.86 7.51
N ALA K 12 -34.30 29.40 6.64
CA ALA K 12 -34.65 30.63 5.94
C ALA K 12 -35.78 30.41 4.95
N TRP K 13 -35.64 29.40 4.09
CA TRP K 13 -36.66 29.12 3.08
C TRP K 13 -37.96 28.59 3.67
N GLY K 14 -37.99 28.26 4.95
CA GLY K 14 -39.19 27.75 5.58
C GLY K 14 -38.93 26.70 6.63
N ASN K 15 -39.82 25.70 6.70
CA ASN K 15 -39.73 24.64 7.70
C ASN K 15 -39.77 23.29 6.98
N LEU K 16 -38.68 22.95 6.30
CA LEU K 16 -38.53 21.66 5.66
C LEU K 16 -37.06 21.24 5.73
N SER K 17 -36.84 19.93 5.70
CA SER K 17 -35.49 19.43 5.55
C SER K 17 -35.08 19.44 4.08
N TYR K 18 -33.77 19.31 3.84
CA TYR K 18 -33.29 19.24 2.46
C TYR K 18 -33.88 18.04 1.74
N ALA K 19 -33.95 16.89 2.42
CA ALA K 19 -34.54 15.70 1.82
C ALA K 19 -36.02 15.91 1.50
N ASP K 20 -36.73 16.67 2.34
CA ASP K 20 -38.13 17.00 2.03
C ASP K 20 -38.23 17.88 0.81
N LEU K 21 -37.33 18.86 0.66
CA LEU K 21 -37.33 19.71 -0.51
C LEU K 21 -36.92 18.93 -1.76
N ILE K 22 -35.97 18.00 -1.61
CA ILE K 22 -35.56 17.18 -2.75
C ILE K 22 -36.67 16.23 -3.16
N THR K 23 -37.37 15.65 -2.17
CA THR K 23 -38.44 14.70 -2.47
C THR K 23 -39.55 15.36 -3.28
N LYS K 24 -39.91 16.60 -2.94
CA LYS K 24 -40.93 17.31 -3.71
C LYS K 24 -40.45 17.62 -5.12
N ALA K 25 -39.15 17.82 -5.30
CA ALA K 25 -38.62 18.10 -6.63
C ALA K 25 -38.77 16.89 -7.55
N ILE K 26 -38.41 15.70 -7.06
CA ILE K 26 -38.47 14.50 -7.89
C ILE K 26 -39.92 14.17 -8.23
N GLU K 27 -40.85 14.41 -7.30
CA GLU K 27 -42.25 14.11 -7.54
C GLU K 27 -42.87 15.01 -8.60
N SER K 28 -42.29 16.19 -8.86
CA SER K 28 -42.86 17.11 -9.84
C SER K 28 -42.60 16.67 -11.27
N SER K 29 -41.55 15.89 -11.51
CA SER K 29 -41.24 15.43 -12.87
C SER K 29 -42.17 14.28 -13.25
N ALA K 30 -42.53 14.23 -14.53
CA ALA K 30 -43.44 13.18 -15.01
C ALA K 30 -42.77 11.81 -14.95
N GLU K 31 -41.46 11.74 -15.12
CA GLU K 31 -40.74 10.48 -15.10
C GLU K 31 -40.23 10.11 -13.72
N LYS K 32 -40.55 10.90 -12.69
CA LYS K 32 -40.16 10.62 -11.30
C LYS K 32 -38.65 10.47 -11.17
N ARG K 33 -37.90 11.28 -11.91
CA ARG K 33 -36.45 11.23 -11.87
C ARG K 33 -35.90 12.55 -12.40
N LEU K 34 -34.90 13.08 -11.71
CA LEU K 34 -34.25 14.33 -12.09
C LEU K 34 -32.76 14.23 -11.86
N THR K 35 -31.98 14.79 -12.77
CA THR K 35 -30.55 14.88 -12.57
C THR K 35 -30.23 15.89 -11.47
N LEU K 36 -28.99 15.84 -10.96
CA LEU K 36 -28.56 16.80 -9.96
C LEU K 36 -28.67 18.22 -10.49
N SER K 37 -28.38 18.43 -11.77
CA SER K 37 -28.50 19.75 -12.36
C SER K 37 -29.95 20.23 -12.38
N GLN K 38 -30.88 19.32 -12.75
CA GLN K 38 -32.29 19.68 -12.76
C GLN K 38 -32.80 19.98 -11.35
N ILE K 39 -32.27 19.29 -10.34
CA ILE K 39 -32.66 19.56 -8.96
C ILE K 39 -32.29 21.00 -8.59
N TYR K 40 -31.09 21.44 -9.00
CA TYR K 40 -30.69 22.81 -8.76
C TYR K 40 -31.65 23.80 -9.42
N GLU K 41 -32.00 23.54 -10.68
CA GLU K 41 -32.92 24.44 -11.39
C GLU K 41 -34.31 24.42 -10.77
N TRP K 42 -34.74 23.27 -10.24
CA TRP K 42 -36.05 23.21 -9.60
C TRP K 42 -36.08 24.05 -8.33
N MET K 43 -35.03 23.96 -7.51
CA MET K 43 -35.00 24.73 -6.26
C MET K 43 -35.01 26.23 -6.52
N VAL K 44 -34.26 26.68 -7.52
CA VAL K 44 -34.20 28.11 -7.82
C VAL K 44 -35.53 28.60 -8.36
N LYS K 45 -36.20 27.77 -9.18
CA LYS K 45 -37.44 28.19 -9.83
C LYS K 45 -38.67 27.96 -8.98
N SER K 46 -38.66 26.97 -8.08
CA SER K 46 -39.83 26.65 -7.28
C SER K 46 -39.77 27.18 -5.86
N VAL K 47 -38.60 27.25 -5.26
CA VAL K 47 -38.42 27.79 -3.92
C VAL K 47 -37.99 29.25 -4.05
N PRO K 48 -38.78 30.20 -3.53
CA PRO K 48 -38.43 31.62 -3.73
C PRO K 48 -37.11 32.03 -3.10
N TYR K 49 -36.75 31.44 -1.96
CA TYR K 49 -35.52 31.87 -1.28
C TYR K 49 -34.28 31.60 -2.11
N PHE K 50 -34.33 30.62 -3.01
CA PHE K 50 -33.19 30.27 -3.85
C PHE K 50 -33.25 30.92 -5.23
N LYS K 51 -34.30 31.71 -5.52
CA LYS K 51 -34.37 32.37 -6.81
C LYS K 51 -33.27 33.41 -6.98
N ASP K 52 -33.00 34.18 -5.93
CA ASP K 52 -31.93 35.16 -5.95
C ASP K 52 -30.55 34.54 -5.81
N LYS K 53 -30.46 33.22 -5.65
CA LYS K 53 -29.18 32.52 -5.63
C LYS K 53 -28.96 31.81 -6.95
N GLY K 54 -28.40 30.60 -6.88
CA GLY K 54 -28.15 29.81 -8.06
C GLY K 54 -26.93 30.19 -8.87
N ASP K 55 -26.12 31.12 -8.40
CA ASP K 55 -24.91 31.53 -9.09
C ASP K 55 -23.73 30.73 -8.54
N SER K 56 -22.52 31.25 -8.66
CA SER K 56 -21.31 30.59 -8.16
C SER K 56 -21.11 29.19 -8.74
N ASN K 57 -20.19 28.43 -8.16
CA ASN K 57 -19.89 27.08 -8.61
C ASN K 57 -20.79 26.08 -7.88
N SER K 58 -20.48 24.79 -8.01
CA SER K 58 -21.13 23.77 -7.20
C SER K 58 -20.54 23.65 -5.80
N SER K 59 -19.60 24.53 -5.45
CA SER K 59 -19.04 24.60 -4.11
C SER K 59 -19.86 25.52 -3.20
N ALA K 60 -21.05 25.92 -3.63
CA ALA K 60 -21.90 26.77 -2.81
C ALA K 60 -22.36 26.02 -1.56
N GLY K 61 -22.87 26.78 -0.59
CA GLY K 61 -23.28 26.17 0.67
C GLY K 61 -24.44 25.22 0.50
N TRP K 62 -25.52 25.68 -0.14
CA TRP K 62 -26.71 24.84 -0.27
C TRP K 62 -26.51 23.76 -1.33
N LYS K 63 -25.70 24.02 -2.37
CA LYS K 63 -25.41 22.99 -3.35
C LYS K 63 -24.60 21.86 -2.73
N ASN K 64 -23.65 22.19 -1.85
CA ASN K 64 -22.87 21.16 -1.17
C ASN K 64 -23.75 20.29 -0.30
N SER K 65 -24.75 20.89 0.36
CA SER K 65 -25.64 20.13 1.22
C SER K 65 -26.53 19.18 0.42
N ILE K 66 -26.81 19.52 -0.84
CA ILE K 66 -27.65 18.64 -1.66
C ILE K 66 -26.89 17.36 -2.01
N ARG K 67 -25.64 17.49 -2.47
CA ARG K 67 -24.83 16.31 -2.74
C ARG K 67 -24.55 15.53 -1.48
N HIS K 68 -24.49 16.21 -0.33
CA HIS K 68 -24.30 15.51 0.94
C HIS K 68 -25.55 14.76 1.36
N ASN K 69 -26.73 15.27 0.99
CA ASN K 69 -27.98 14.61 1.37
C ASN K 69 -28.32 13.45 0.45
N LEU K 70 -27.88 13.49 -0.81
CA LEU K 70 -28.20 12.41 -1.74
C LEU K 70 -27.42 11.15 -1.43
N SER K 71 -26.16 11.30 -1.01
CA SER K 71 -25.33 10.13 -0.72
C SER K 71 -25.59 9.57 0.67
N LEU K 72 -25.98 10.41 1.62
CA LEU K 72 -26.15 9.95 3.00
C LEU K 72 -27.50 9.27 3.19
N HIS K 73 -28.58 9.93 2.80
CA HIS K 73 -29.93 9.39 3.01
C HIS K 73 -30.23 8.30 1.99
N SER K 74 -30.68 7.14 2.48
CA SER K 74 -31.00 6.01 1.62
C SER K 74 -32.31 6.19 0.88
N LYS K 75 -33.08 7.23 1.17
CA LYS K 75 -34.34 7.49 0.48
C LYS K 75 -34.13 7.96 -0.96
N PHE K 76 -32.89 8.11 -1.40
CA PHE K 76 -32.58 8.52 -2.76
C PHE K 76 -31.67 7.49 -3.42
N ILE K 77 -31.96 7.17 -4.67
CA ILE K 77 -31.21 6.17 -5.42
C ILE K 77 -30.59 6.82 -6.64
N ARG K 78 -29.57 6.18 -7.18
CA ARG K 78 -28.83 6.68 -8.34
C ARG K 78 -28.88 5.65 -9.45
N VAL K 79 -29.36 6.06 -10.62
CA VAL K 79 -29.49 5.19 -11.79
C VAL K 79 -28.59 5.74 -12.87
N GLN K 80 -27.69 4.91 -13.38
CA GLN K 80 -26.75 5.35 -14.41
C GLN K 80 -27.49 5.72 -15.69
N ASN K 81 -27.07 6.82 -16.31
CA ASN K 81 -27.69 7.30 -17.54
C ASN K 81 -27.14 6.53 -18.74
N LYS K 86 -23.50 13.05 -19.98
CA LYS K 86 -24.69 13.22 -19.16
C LYS K 86 -24.53 12.52 -17.81
N SER K 87 -24.93 13.20 -16.74
CA SER K 87 -24.82 12.65 -15.40
C SER K 87 -25.91 11.62 -15.15
N SER K 88 -25.81 10.94 -14.01
CA SER K 88 -26.72 9.87 -13.65
C SER K 88 -28.08 10.43 -13.22
N TRP K 89 -29.05 9.53 -13.10
CA TRP K 89 -30.40 9.89 -12.70
C TRP K 89 -30.57 9.70 -11.19
N TRP K 90 -31.31 10.61 -10.57
CA TRP K 90 -31.63 10.54 -9.15
C TRP K 90 -33.13 10.32 -9.00
N MET K 91 -33.50 9.22 -8.34
CA MET K 91 -34.90 8.87 -8.13
C MET K 91 -35.12 8.58 -6.64
N LEU K 92 -36.38 8.43 -6.27
CA LEU K 92 -36.76 8.15 -4.90
C LEU K 92 -36.70 6.65 -4.63
N ASN K 93 -36.27 6.30 -3.42
CA ASN K 93 -36.15 4.89 -3.07
C ASN K 93 -37.54 4.28 -2.84
N PRO K 94 -37.79 3.08 -3.36
CA PRO K 94 -39.07 2.39 -3.19
C PRO K 94 -39.36 2.04 -1.72
N ARG L 9 12.96 6.67 -27.06
CA ARG L 9 11.64 6.29 -26.55
C ARG L 9 10.59 7.31 -26.95
N ARG L 10 9.35 6.84 -27.13
CA ARG L 10 8.24 7.75 -27.32
C ARG L 10 7.89 8.45 -26.01
N ASN L 11 7.70 7.67 -24.95
CA ASN L 11 7.52 8.18 -23.61
C ASN L 11 8.52 7.50 -22.68
N ALA L 12 8.67 8.06 -21.48
CA ALA L 12 9.67 7.56 -20.55
C ALA L 12 9.41 6.12 -20.12
N TRP L 13 8.16 5.65 -20.22
CA TRP L 13 7.84 4.28 -19.84
C TRP L 13 7.94 3.30 -21.01
N GLY L 14 7.95 3.80 -22.25
CA GLY L 14 7.99 2.95 -23.41
C GLY L 14 7.31 3.64 -24.57
N ASN L 15 7.11 2.86 -25.64
CA ASN L 15 6.47 3.35 -26.86
C ASN L 15 4.97 3.07 -26.89
N LEU L 16 4.33 3.01 -25.72
CA LEU L 16 2.91 2.74 -25.62
C LEU L 16 2.17 4.02 -25.19
N SER L 17 0.90 4.07 -25.53
CA SER L 17 0.05 5.22 -25.22
C SER L 17 -0.78 4.94 -23.97
N TYR L 18 -1.39 6.01 -23.44
CA TYR L 18 -2.29 5.85 -22.31
C TYR L 18 -3.50 5.01 -22.68
N ALA L 19 -4.00 5.18 -23.90
CA ALA L 19 -5.13 4.37 -24.35
C ALA L 19 -4.75 2.90 -24.47
N ASP L 20 -3.52 2.62 -24.91
CA ASP L 20 -3.07 1.23 -24.99
C ASP L 20 -2.85 0.64 -23.60
N LEU L 21 -2.28 1.42 -22.67
CA LEU L 21 -2.01 0.91 -21.34
C LEU L 21 -3.32 0.61 -20.59
N ILE L 22 -4.34 1.44 -20.78
CA ILE L 22 -5.64 1.15 -20.20
C ILE L 22 -6.26 -0.08 -20.85
N THR L 23 -6.03 -0.24 -22.17
CA THR L 23 -6.56 -1.39 -22.88
C THR L 23 -5.94 -2.68 -22.37
N LYS L 24 -4.62 -2.69 -22.20
CA LYS L 24 -3.93 -3.89 -21.73
C LYS L 24 -4.34 -4.23 -20.30
N ALA L 25 -4.54 -3.20 -19.46
CA ALA L 25 -4.93 -3.45 -18.07
C ALA L 25 -6.29 -4.12 -17.99
N ILE L 26 -7.26 -3.64 -18.78
CA ILE L 26 -8.60 -4.23 -18.77
C ILE L 26 -8.55 -5.66 -19.28
N GLU L 27 -7.79 -5.89 -20.36
CA GLU L 27 -7.73 -7.22 -20.97
C GLU L 27 -6.95 -8.21 -20.10
N SER L 28 -6.14 -7.73 -19.18
CA SER L 28 -5.41 -8.62 -18.28
C SER L 28 -6.29 -9.19 -17.18
N SER L 29 -7.36 -8.50 -16.81
CA SER L 29 -8.28 -8.99 -15.80
C SER L 29 -9.12 -10.13 -16.36
N ALA L 30 -9.42 -11.11 -15.50
CA ALA L 30 -10.19 -12.27 -15.95
C ALA L 30 -11.64 -11.91 -16.25
N GLU L 31 -12.15 -10.85 -15.63
CA GLU L 31 -13.53 -10.43 -15.84
C GLU L 31 -13.66 -9.31 -16.87
N LYS L 32 -12.54 -8.86 -17.45
CA LYS L 32 -12.54 -7.82 -18.49
C LYS L 32 -13.22 -6.54 -18.00
N ARG L 33 -12.94 -6.17 -16.76
CA ARG L 33 -13.50 -4.95 -16.17
C ARG L 33 -12.70 -4.59 -14.93
N LEU L 34 -12.38 -3.30 -14.79
CA LEU L 34 -11.63 -2.82 -13.65
C LEU L 34 -12.17 -1.46 -13.23
N THR L 35 -12.15 -1.20 -11.93
CA THR L 35 -12.45 0.12 -11.41
C THR L 35 -11.25 1.05 -11.64
N LEU L 36 -11.48 2.35 -11.42
CA LEU L 36 -10.40 3.31 -11.61
C LEU L 36 -9.27 3.07 -10.62
N SER L 37 -9.61 2.65 -9.40
CA SER L 37 -8.59 2.36 -8.40
C SER L 37 -7.69 1.20 -8.82
N GLN L 38 -8.26 0.22 -9.53
CA GLN L 38 -7.47 -0.94 -9.96
C GLN L 38 -6.63 -0.63 -11.19
N ILE L 39 -7.07 0.32 -12.02
CA ILE L 39 -6.24 0.72 -13.16
C ILE L 39 -5.01 1.47 -12.68
N TYR L 40 -5.16 2.31 -11.66
CA TYR L 40 -4.00 2.89 -10.98
C TYR L 40 -3.05 1.80 -10.53
N GLU L 41 -3.59 0.78 -9.83
CA GLU L 41 -2.76 -0.26 -9.23
C GLU L 41 -2.04 -1.09 -10.29
N TRP L 42 -2.70 -1.34 -11.42
CA TRP L 42 -2.04 -2.06 -12.50
C TRP L 42 -0.86 -1.27 -13.05
N MET L 43 -1.02 0.05 -13.16
CA MET L 43 0.05 0.88 -13.71
C MET L 43 1.27 0.89 -12.81
N VAL L 44 1.06 0.95 -11.49
CA VAL L 44 2.18 1.03 -10.56
C VAL L 44 2.96 -0.28 -10.55
N LYS L 45 2.29 -1.41 -10.79
CA LYS L 45 2.96 -2.70 -10.78
C LYS L 45 3.55 -3.08 -12.13
N SER L 46 2.94 -2.65 -13.24
CA SER L 46 3.37 -3.05 -14.56
C SER L 46 4.27 -2.02 -15.25
N VAL L 47 4.32 -0.79 -14.77
CA VAL L 47 5.12 0.26 -15.39
C VAL L 47 6.12 0.81 -14.37
N PRO L 48 7.42 0.54 -14.55
CA PRO L 48 8.41 1.06 -13.58
C PRO L 48 8.56 2.57 -13.60
N TYR L 49 8.05 3.27 -14.62
CA TYR L 49 8.09 4.73 -14.61
C TYR L 49 7.18 5.30 -13.53
N PHE L 50 6.03 4.67 -13.28
CA PHE L 50 5.11 5.13 -12.25
C PHE L 50 5.55 4.65 -10.87
N LYS L 51 6.88 4.59 -10.66
CA LYS L 51 7.47 4.52 -9.33
C LYS L 51 7.67 5.94 -8.77
N ASP L 52 6.54 6.65 -8.65
CA ASP L 52 6.55 8.05 -8.26
C ASP L 52 6.09 8.19 -6.81
N LYS L 53 6.92 8.83 -5.98
CA LYS L 53 6.59 9.04 -4.58
C LYS L 53 6.95 10.46 -4.12
N SER L 59 2.98 11.64 -8.09
CA SER L 59 2.20 10.61 -8.77
C SER L 59 0.82 11.15 -9.16
N ALA L 60 0.61 12.44 -8.97
CA ALA L 60 -0.68 13.05 -9.26
C ALA L 60 -0.87 13.32 -10.74
N GLY L 61 0.23 13.55 -11.47
CA GLY L 61 0.10 13.94 -12.87
C GLY L 61 -0.45 12.84 -13.75
N TRP L 62 0.16 11.66 -13.71
CA TRP L 62 -0.26 10.58 -14.60
C TRP L 62 -1.64 10.04 -14.23
N LYS L 63 -2.04 10.16 -12.96
CA LYS L 63 -3.39 9.78 -12.58
C LYS L 63 -4.43 10.68 -13.24
N ASN L 64 -4.12 11.97 -13.33
CA ASN L 64 -5.02 12.90 -14.02
C ASN L 64 -5.09 12.59 -15.51
N SER L 65 -4.00 12.07 -16.09
CA SER L 65 -4.03 11.69 -17.49
C SER L 65 -4.84 10.43 -17.72
N ILE L 66 -4.86 9.52 -16.75
CA ILE L 66 -5.64 8.29 -16.88
C ILE L 66 -7.13 8.62 -16.94
N ARG L 67 -7.61 9.44 -15.99
CA ARG L 67 -9.01 9.84 -16.01
C ARG L 67 -9.35 10.64 -17.26
N HIS L 68 -8.38 11.35 -17.82
CA HIS L 68 -8.61 12.12 -19.04
C HIS L 68 -8.88 11.19 -20.23
N ASN L 69 -8.11 10.11 -20.34
CA ASN L 69 -8.28 9.20 -21.47
C ASN L 69 -9.57 8.38 -21.36
N LEU L 70 -10.03 8.11 -20.14
CA LEU L 70 -11.21 7.27 -19.97
C LEU L 70 -12.47 7.97 -20.45
N SER L 71 -12.63 9.25 -20.13
CA SER L 71 -13.84 9.96 -20.53
C SER L 71 -13.75 10.51 -21.95
N LEU L 72 -12.55 10.81 -22.43
CA LEU L 72 -12.41 11.45 -23.74
C LEU L 72 -12.70 10.47 -24.86
N HIS L 73 -12.04 9.32 -24.86
CA HIS L 73 -12.14 8.37 -25.96
C HIS L 73 -13.39 7.51 -25.81
N SER L 74 -14.15 7.37 -26.90
CA SER L 74 -15.34 6.53 -26.92
C SER L 74 -15.03 5.05 -26.83
N LYS L 75 -13.76 4.68 -26.81
CA LYS L 75 -13.39 3.26 -26.66
C LYS L 75 -13.79 2.73 -25.29
N PHE L 76 -13.74 3.57 -24.26
CA PHE L 76 -14.02 3.16 -22.89
C PHE L 76 -15.41 3.60 -22.48
N ILE L 77 -16.15 2.71 -21.83
CA ILE L 77 -17.52 2.96 -21.41
C ILE L 77 -17.62 2.83 -19.90
N ARG L 78 -18.61 3.51 -19.33
CA ARG L 78 -18.84 3.53 -17.90
C ARG L 78 -19.99 2.60 -17.54
N VAL L 79 -19.83 1.88 -16.43
CA VAL L 79 -20.80 0.88 -15.99
C VAL L 79 -21.10 1.11 -14.51
N GLN L 80 -22.39 1.13 -14.17
CA GLN L 80 -22.81 1.41 -12.80
C GLN L 80 -22.34 0.32 -11.84
N ASN L 81 -21.75 0.75 -10.72
CA ASN L 81 -21.30 -0.14 -9.66
C ASN L 81 -20.35 -1.22 -10.18
N LYS L 86 -18.87 0.10 -5.21
CA LYS L 86 -17.94 1.22 -5.19
C LYS L 86 -18.12 2.10 -6.43
N SER L 87 -17.00 2.45 -7.06
CA SER L 87 -17.01 3.30 -8.24
C SER L 87 -17.48 2.50 -9.45
N SER L 88 -17.35 3.09 -10.64
CA SER L 88 -17.82 2.46 -11.85
C SER L 88 -16.80 1.46 -12.38
N TRP L 89 -17.29 0.51 -13.17
CA TRP L 89 -16.43 -0.41 -13.91
C TRP L 89 -16.09 0.21 -15.26
N TRP L 90 -14.85 0.00 -15.71
CA TRP L 90 -14.39 0.49 -17.00
C TRP L 90 -14.06 -0.69 -17.90
N MET L 91 -14.56 -0.65 -19.13
CA MET L 91 -14.37 -1.74 -20.08
C MET L 91 -14.27 -1.15 -21.48
N LEU L 92 -14.13 -2.04 -22.46
CA LEU L 92 -13.87 -1.65 -23.84
C LEU L 92 -15.16 -1.64 -24.66
N ASN L 93 -15.19 -0.78 -25.66
CA ASN L 93 -16.33 -0.63 -26.57
C ASN L 93 -17.64 -0.37 -25.82
#